data_6KKV
#
_entry.id   6KKV
#
_cell.length_a   95.402
_cell.length_b   95.402
_cell.length_c   201.281
_cell.angle_alpha   90.000
_cell.angle_beta   90.000
_cell.angle_gamma   120.000
#
_symmetry.space_group_name_H-M   'P 61 2 2'
#
loop_
_entity.id
_entity.type
_entity.pdbx_description
1 polymer 'DNA ligase A'
2 non-polymer N-[(4-methylphenyl)methyl]-1H-pyrrole-2-carboxamide
3 non-polymer 'SULFATE ION'
4 water water
#
_entity_poly.entity_id   1
_entity_poly.type   'polypeptide(L)'
_entity_poly.pdbx_seq_one_letter_code
;QTAPEVLRQWQALAEEVREHQFRYYVRDAPIISDAEFDELLRRLEALEEQHPELRTPDSPTQLVGGAGFATDFEPVDHLE
RMLSLDNAFTADELAAWAGRIHAEVGDAAHYLCELKIDGVALSLVYREGRLTRASTRGDGRTGEDVTLNARTIADVPERL
TPGDDYPVPEVLEVRGEVFFRLDDFQALNASLVEEGKAPFANPRNSAAGSLRQKDPAVTARRRLRMICHGLGHVEGFRPA
TLHQAYLALRAWGLPVSEHTTLATDLAGVRERIDYWGEHRHEVDHEIDGVVVKVDEVALQRRLGSTSRAPRWAIAYKYPP
EHHHHHH
;
_entity_poly.pdbx_strand_id   A
#
loop_
_chem_comp.id
_chem_comp.type
_chem_comp.name
_chem_comp.formula
DKR non-polymer N-[(4-methylphenyl)methyl]-1H-pyrrole-2-carboxamide 'C13 H14 N2 O'
SO4 non-polymer 'SULFATE ION' 'O4 S -2'
#
# COMPACT_ATOMS: atom_id res chain seq x y z
N GLN A 1 -33.77 21.31 13.65
CA GLN A 1 -33.12 20.90 12.43
C GLN A 1 -32.63 22.02 11.54
N THR A 2 -31.85 21.62 10.59
CA THR A 2 -31.36 22.43 9.49
C THR A 2 -31.24 21.35 8.45
N ALA A 3 -31.73 21.53 7.22
CA ALA A 3 -31.56 20.50 6.24
C ALA A 3 -30.12 20.27 5.97
N PRO A 4 -29.25 21.27 6.11
CA PRO A 4 -27.85 20.94 5.91
C PRO A 4 -27.28 20.21 7.04
N GLU A 5 -27.76 20.43 8.22
CA GLU A 5 -27.26 19.68 9.34
C GLU A 5 -27.85 18.31 9.35
N VAL A 6 -28.97 18.12 8.68
CA VAL A 6 -29.53 16.83 8.60
C VAL A 6 -28.66 15.94 7.77
N LEU A 7 -28.20 16.49 6.68
CA LEU A 7 -27.35 15.79 5.80
C LEU A 7 -26.00 15.58 6.37
N ARG A 8 -25.54 16.46 7.21
CA ARG A 8 -24.24 16.33 7.75
C ARG A 8 -24.17 15.21 8.73
N GLN A 9 -25.16 15.16 9.55
CA GLN A 9 -25.31 14.21 10.54
C GLN A 9 -25.51 12.86 10.02
N TRP A 10 -26.24 12.72 8.97
CA TRP A 10 -26.52 11.46 8.40
C TRP A 10 -25.30 10.83 7.82
N GLN A 11 -24.55 11.59 7.09
CA GLN A 11 -23.38 11.13 6.46
C GLN A 11 -22.37 10.73 7.38
N ALA A 12 -22.22 11.42 8.45
CA ALA A 12 -21.24 11.12 9.40
C ALA A 12 -21.60 9.87 10.11
N LEU A 13 -22.83 9.73 10.46
CA LEU A 13 -23.26 8.61 11.18
C LEU A 13 -23.31 7.40 10.34
N ALA A 14 -23.65 7.53 9.10
CA ALA A 14 -23.65 6.41 8.23
C ALA A 14 -22.26 6.02 7.95
N GLU A 15 -21.35 6.93 7.95
CA GLU A 15 -19.98 6.59 7.73
C GLU A 15 -19.46 5.83 8.89
N GLU A 16 -19.76 6.23 10.09
CA GLU A 16 -19.29 5.55 11.25
C GLU A 16 -19.92 4.19 11.34
N VAL A 17 -21.18 4.07 11.04
CA VAL A 17 -21.83 2.81 11.12
C VAL A 17 -21.33 1.83 10.08
N ARG A 18 -20.99 2.28 8.90
CA ARG A 18 -20.56 1.43 7.86
C ARG A 18 -19.21 0.97 8.13
N GLU A 19 -18.40 1.76 8.80
CA GLU A 19 -17.09 1.37 9.07
C GLU A 19 -17.08 0.30 10.10
N HIS A 20 -18.05 0.25 10.96
CA HIS A 20 -18.07 -0.70 12.02
C HIS A 20 -18.67 -1.97 11.56
N GLN A 21 -19.52 -1.94 10.58
CA GLN A 21 -20.07 -3.11 10.04
C GLN A 21 -18.99 -3.84 9.33
N PHE A 22 -18.06 -3.11 8.73
CA PHE A 22 -16.93 -3.67 8.01
C PHE A 22 -15.97 -4.35 8.96
N ARG A 23 -15.65 -3.72 10.05
CA ARG A 23 -14.76 -4.25 11.02
C ARG A 23 -15.32 -5.49 11.69
N TYR A 24 -16.60 -5.52 11.96
CA TYR A 24 -17.20 -6.65 12.55
C TYR A 24 -17.44 -7.76 11.58
N TYR A 25 -18.00 -7.51 10.41
CA TYR A 25 -18.27 -8.61 9.53
C TYR A 25 -17.11 -9.00 8.64
N VAL A 26 -16.55 -8.10 7.88
CA VAL A 26 -15.49 -8.47 6.97
C VAL A 26 -14.23 -8.92 7.68
N ARG A 27 -13.80 -8.16 8.63
CA ARG A 27 -12.75 -8.56 9.47
C ARG A 27 -13.42 -9.18 10.70
N ASP A 28 -12.67 -9.65 11.65
CA ASP A 28 -13.32 -10.15 12.85
C ASP A 28 -12.86 -9.28 13.88
N ALA A 29 -12.75 -8.01 13.58
CA ALA A 29 -12.08 -7.13 14.45
C ALA A 29 -12.82 -5.90 14.86
N PRO A 30 -13.88 -6.05 15.60
CA PRO A 30 -14.57 -4.87 16.07
C PRO A 30 -13.75 -3.93 16.96
N ILE A 31 -13.94 -2.63 16.86
CA ILE A 31 -13.18 -1.71 17.66
C ILE A 31 -13.96 -0.92 18.66
N ILE A 32 -15.24 -1.10 18.71
CA ILE A 32 -16.00 -0.48 19.73
C ILE A 32 -16.54 -1.65 20.60
N SER A 33 -17.38 -1.40 21.57
CA SER A 33 -17.98 -2.49 22.35
C SER A 33 -19.13 -2.98 21.63
N ASP A 34 -19.48 -4.20 21.95
CA ASP A 34 -20.53 -4.79 21.27
C ASP A 34 -21.76 -3.97 21.41
N ALA A 35 -22.12 -3.26 22.54
CA ALA A 35 -23.29 -2.37 22.91
C ALA A 35 -23.50 -0.93 22.28
N GLU A 36 -22.39 -0.36 22.02
CA GLU A 36 -22.12 0.93 21.44
C GLU A 36 -22.57 0.92 20.01
N PHE A 37 -22.33 -0.14 19.28
CA PHE A 37 -22.77 -0.23 17.93
C PHE A 37 -24.23 -0.15 17.84
N ASP A 38 -24.90 -0.65 18.82
CA ASP A 38 -26.33 -0.75 18.75
C ASP A 38 -27.02 0.54 18.90
N GLU A 39 -26.37 1.46 19.58
CA GLU A 39 -26.97 2.72 19.77
C GLU A 39 -26.88 3.43 18.48
N LEU A 40 -25.70 3.38 17.89
CA LEU A 40 -25.45 4.01 16.64
C LEU A 40 -26.41 3.60 15.59
N LEU A 41 -26.66 2.33 15.46
CA LEU A 41 -27.54 1.91 14.41
C LEU A 41 -28.97 2.37 14.68
N ARG A 42 -29.32 2.50 15.93
CA ARG A 42 -30.64 2.90 16.26
C ARG A 42 -30.83 4.29 15.79
N ARG A 43 -29.89 5.14 16.18
CA ARG A 43 -29.91 6.53 15.83
C ARG A 43 -30.01 6.74 14.41
N LEU A 44 -29.27 5.98 13.61
CA LEU A 44 -29.29 6.13 12.16
C LEU A 44 -30.58 5.70 11.72
N GLU A 45 -31.18 4.71 12.30
CA GLU A 45 -32.52 4.33 11.90
C GLU A 45 -33.54 5.40 12.35
N ALA A 46 -33.31 5.81 13.57
CA ALA A 46 -34.04 6.76 14.30
C ALA A 46 -34.12 7.83 13.44
N LEU A 47 -32.98 8.25 12.77
CA LEU A 47 -32.58 9.27 11.73
C LEU A 47 -33.17 9.17 10.36
N GLU A 48 -33.39 8.00 9.87
CA GLU A 48 -34.06 7.90 8.63
C GLU A 48 -35.56 7.90 8.79
N GLU A 49 -36.12 7.82 9.99
CA GLU A 49 -37.54 7.86 10.08
C GLU A 49 -38.03 9.22 9.78
N GLN A 50 -37.35 10.18 10.35
CA GLN A 50 -37.72 11.53 10.25
C GLN A 50 -37.55 11.89 8.87
N HIS A 51 -36.41 11.60 8.29
CA HIS A 51 -36.16 12.00 6.97
C HIS A 51 -36.07 10.83 6.08
N PRO A 52 -37.20 10.42 5.54
CA PRO A 52 -37.14 9.23 4.72
C PRO A 52 -36.43 9.36 3.46
N GLU A 53 -36.05 10.54 3.05
CA GLU A 53 -35.36 10.64 1.82
C GLU A 53 -33.99 10.08 2.01
N LEU A 54 -33.44 10.16 3.19
CA LEU A 54 -32.14 9.63 3.42
C LEU A 54 -31.99 8.14 3.29
N ARG A 55 -32.98 7.35 3.65
CA ARG A 55 -32.84 5.93 3.52
C ARG A 55 -32.86 5.54 2.07
N THR A 56 -31.80 5.00 1.58
CA THR A 56 -31.69 4.55 0.24
C THR A 56 -31.33 3.09 0.25
N PRO A 57 -31.40 2.41 -0.88
CA PRO A 57 -30.97 1.02 -0.84
C PRO A 57 -29.50 0.86 -0.54
N ASP A 58 -28.68 1.90 -0.65
CA ASP A 58 -27.28 1.88 -0.30
C ASP A 58 -26.94 2.32 1.06
N SER A 59 -27.90 2.55 1.93
CA SER A 59 -27.64 3.03 3.28
C SER A 59 -27.16 1.97 4.17
N PRO A 60 -26.34 2.22 5.18
CA PRO A 60 -25.92 1.20 6.08
C PRO A 60 -27.10 0.51 6.75
N THR A 61 -28.15 1.22 7.12
CA THR A 61 -29.29 0.60 7.71
C THR A 61 -30.05 -0.26 6.80
N GLN A 62 -30.73 0.25 5.79
CA GLN A 62 -31.60 -0.60 5.03
C GLN A 62 -30.81 -1.05 3.90
N LEU A 63 -30.84 -2.34 3.67
CA LEU A 63 -30.25 -3.16 2.68
C LEU A 63 -28.89 -3.48 2.95
N VAL A 64 -28.28 -3.06 4.04
CA VAL A 64 -27.02 -3.71 4.32
C VAL A 64 -26.62 -4.17 5.72
N GLY A 65 -27.46 -4.91 6.44
CA GLY A 65 -27.13 -5.49 7.72
C GLY A 65 -26.46 -6.79 7.29
N GLY A 66 -25.23 -7.13 7.72
CA GLY A 66 -24.40 -8.22 7.26
C GLY A 66 -23.52 -7.96 5.99
N ALA A 67 -24.13 -7.53 4.91
CA ALA A 67 -23.54 -7.49 3.60
C ALA A 67 -23.28 -6.17 2.81
N GLY A 68 -23.10 -6.23 1.49
CA GLY A 68 -22.84 -5.11 0.66
C GLY A 68 -21.35 -4.88 0.48
N PHE A 69 -20.51 -5.76 0.94
CA PHE A 69 -19.12 -5.57 0.82
C PHE A 69 -18.51 -6.52 -0.16
N ALA A 70 -18.29 -6.12 -1.38
CA ALA A 70 -17.69 -6.98 -2.32
C ALA A 70 -16.72 -6.23 -3.14
N THR A 71 -15.73 -6.90 -3.66
CA THR A 71 -14.76 -6.29 -4.50
C THR A 71 -15.05 -6.64 -5.95
N ASP A 72 -15.09 -5.68 -6.83
CA ASP A 72 -15.34 -5.99 -8.20
C ASP A 72 -14.26 -5.63 -9.19
N PHE A 73 -13.11 -5.30 -8.68
CA PHE A 73 -11.94 -4.98 -9.43
C PHE A 73 -12.10 -3.98 -10.49
N GLU A 74 -12.93 -3.01 -10.28
CA GLU A 74 -13.21 -2.07 -11.30
C GLU A 74 -12.08 -1.15 -11.51
N PRO A 75 -11.89 -0.69 -12.71
CA PRO A 75 -10.81 0.21 -12.98
C PRO A 75 -10.83 1.51 -12.25
N VAL A 76 -9.70 1.92 -11.72
CA VAL A 76 -9.61 3.16 -11.06
C VAL A 76 -8.28 3.74 -11.47
N ASP A 77 -8.22 5.01 -11.65
CA ASP A 77 -7.05 5.65 -12.08
C ASP A 77 -6.11 6.01 -10.97
N HIS A 78 -4.83 5.94 -11.24
CA HIS A 78 -3.83 6.36 -10.33
C HIS A 78 -3.65 7.85 -10.48
N LEU A 79 -3.27 8.53 -9.43
CA LEU A 79 -3.12 9.93 -9.51
C LEU A 79 -1.91 10.28 -10.24
N GLU A 80 -0.92 9.52 -10.09
CA GLU A 80 0.32 9.68 -10.79
C GLU A 80 0.63 8.36 -11.38
N ARG A 81 1.23 8.35 -12.55
CA ARG A 81 1.50 7.13 -13.25
C ARG A 81 2.40 6.22 -12.43
N MET A 82 2.09 4.95 -12.35
CA MET A 82 2.81 4.05 -11.55
C MET A 82 3.68 3.27 -12.46
N LEU A 83 4.89 3.68 -12.65
CA LEU A 83 5.75 3.02 -13.54
C LEU A 83 6.51 1.83 -12.99
N SER A 84 6.91 0.97 -13.85
CA SER A 84 7.66 -0.17 -13.48
C SER A 84 9.12 0.17 -13.49
N LEU A 85 9.95 -0.66 -12.95
CA LEU A 85 11.35 -0.36 -12.87
C LEU A 85 12.22 -1.00 -13.89
N ASP A 86 13.20 -0.32 -14.41
CA ASP A 86 14.15 -0.94 -15.30
C ASP A 86 15.04 -1.86 -14.49
N ASN A 87 15.57 -2.91 -15.04
CA ASN A 87 16.33 -3.86 -14.28
C ASN A 87 17.78 -3.91 -14.67
N ALA A 88 18.69 -4.29 -13.79
CA ALA A 88 20.07 -4.46 -14.12
C ALA A 88 20.45 -5.78 -13.62
N PHE A 89 21.05 -6.64 -14.40
CA PHE A 89 21.39 -7.94 -13.90
C PHE A 89 22.81 -8.25 -13.80
N THR A 90 23.64 -7.31 -14.07
CA THR A 90 25.05 -7.55 -14.13
C THR A 90 25.75 -6.32 -13.63
N ALA A 91 26.96 -6.48 -13.13
CA ALA A 91 27.73 -5.35 -12.63
C ALA A 91 28.05 -4.25 -13.61
N ASP A 92 28.27 -4.53 -14.87
CA ASP A 92 28.52 -3.47 -15.83
C ASP A 92 27.30 -2.65 -16.15
N GLU A 93 26.17 -3.25 -16.03
CA GLU A 93 24.98 -2.63 -16.33
C GLU A 93 24.73 -1.66 -15.25
N LEU A 94 25.06 -2.01 -14.02
CA LEU A 94 24.77 -1.09 -12.98
C LEU A 94 25.71 0.05 -13.04
N ALA A 95 26.92 -0.24 -13.42
CA ALA A 95 27.90 0.79 -13.52
C ALA A 95 27.52 1.71 -14.64
N ALA A 96 26.98 1.18 -15.69
CA ALA A 96 26.57 2.00 -16.77
C ALA A 96 25.39 2.83 -16.41
N TRP A 97 24.51 2.35 -15.55
CA TRP A 97 23.43 3.18 -15.12
C TRP A 97 24.00 4.29 -14.30
N ALA A 98 24.92 3.97 -13.45
CA ALA A 98 25.49 4.94 -12.59
C ALA A 98 26.32 5.96 -13.29
N GLY A 99 26.98 5.58 -14.35
CA GLY A 99 27.73 6.50 -15.13
C GLY A 99 26.85 7.55 -15.73
N ARG A 100 25.77 7.11 -16.33
CA ARG A 100 24.79 7.97 -16.95
C ARG A 100 24.13 8.85 -15.97
N ILE A 101 23.99 8.44 -14.75
CA ILE A 101 23.42 9.30 -13.78
C ILE A 101 24.41 10.33 -13.48
N HIS A 102 25.65 9.95 -13.43
CA HIS A 102 26.69 10.90 -13.16
C HIS A 102 27.10 11.69 -14.38
N ALA A 103 26.52 11.51 -15.52
CA ALA A 103 26.77 12.41 -16.57
C ALA A 103 25.73 13.48 -16.49
N GLU A 104 24.58 13.25 -15.85
CA GLU A 104 23.49 14.21 -15.82
C GLU A 104 23.44 15.09 -14.64
N VAL A 105 23.71 14.49 -13.54
CA VAL A 105 23.90 15.16 -12.31
C VAL A 105 25.37 14.82 -11.91
N GLY A 106 25.81 15.28 -10.78
CA GLY A 106 27.21 15.06 -10.51
C GLY A 106 27.55 14.15 -9.41
N ASP A 107 28.08 14.70 -8.36
CA ASP A 107 28.24 13.96 -7.21
C ASP A 107 27.08 14.37 -6.31
N ALA A 108 26.11 15.12 -6.80
CA ALA A 108 25.06 15.59 -5.98
C ALA A 108 24.03 14.55 -5.65
N ALA A 109 24.03 13.46 -6.42
CA ALA A 109 23.13 12.38 -6.23
C ALA A 109 23.64 11.32 -5.28
N HIS A 110 22.87 10.98 -4.29
CA HIS A 110 23.16 9.94 -3.40
C HIS A 110 22.19 8.80 -3.70
N TYR A 111 22.53 7.59 -3.38
CA TYR A 111 21.69 6.48 -3.70
C TYR A 111 21.04 5.75 -2.59
N LEU A 112 19.73 5.77 -2.50
CA LEU A 112 19.00 5.04 -1.52
C LEU A 112 18.94 3.59 -1.95
N CYS A 113 19.24 2.64 -1.10
CA CYS A 113 19.27 1.28 -1.45
C CYS A 113 18.25 0.49 -0.67
N GLU A 114 17.33 -0.20 -1.29
CA GLU A 114 16.37 -0.97 -0.59
C GLU A 114 16.28 -2.33 -1.11
N LEU A 115 15.75 -3.23 -0.31
CA LEU A 115 15.57 -4.59 -0.68
C LEU A 115 14.37 -4.70 -1.55
N LYS A 116 14.46 -5.38 -2.66
CA LYS A 116 13.39 -5.51 -3.51
C LYS A 116 12.56 -6.65 -3.07
N ILE A 117 11.30 -6.46 -2.80
CA ILE A 117 10.45 -7.51 -2.38
C ILE A 117 9.68 -8.13 -3.50
N ASP A 118 9.67 -9.43 -3.64
CA ASP A 118 8.94 -10.07 -4.66
C ASP A 118 7.49 -10.32 -4.32
N GLY A 119 6.70 -9.30 -4.32
CA GLY A 119 5.33 -9.44 -4.05
C GLY A 119 4.38 -8.77 -5.02
N VAL A 120 3.29 -8.24 -4.55
CA VAL A 120 2.34 -7.58 -5.38
C VAL A 120 2.32 -6.11 -5.08
N ALA A 121 2.41 -5.28 -6.08
CA ALA A 121 2.44 -3.91 -5.87
C ALA A 121 1.06 -3.35 -5.53
N LEU A 122 0.99 -2.50 -4.52
CA LEU A 122 -0.23 -1.91 -4.12
C LEU A 122 -0.11 -0.39 -4.01
N SER A 123 -1.10 0.34 -4.43
CA SER A 123 -1.08 1.74 -4.36
C SER A 123 -2.17 2.27 -3.45
N LEU A 124 -1.87 3.02 -2.43
CA LEU A 124 -2.85 3.53 -1.53
C LEU A 124 -2.99 5.03 -1.64
N VAL A 125 -4.16 5.57 -1.46
CA VAL A 125 -4.38 6.97 -1.54
C VAL A 125 -4.97 7.38 -0.25
N TYR A 126 -4.44 8.35 0.43
CA TYR A 126 -4.98 8.81 1.65
C TYR A 126 -5.46 10.22 1.47
N ARG A 127 -6.70 10.52 1.73
CA ARG A 127 -7.21 11.86 1.59
C ARG A 127 -7.48 12.36 2.95
N GLU A 128 -6.88 13.45 3.38
CA GLU A 128 -6.99 14.01 4.68
C GLU A 128 -6.70 13.00 5.75
N GLY A 129 -5.79 12.11 5.53
CA GLY A 129 -5.45 11.14 6.51
C GLY A 129 -6.33 9.94 6.62
N ARG A 130 -7.19 9.76 5.69
CA ARG A 130 -8.10 8.69 5.66
C ARG A 130 -7.84 7.91 4.42
N LEU A 131 -7.88 6.59 4.49
CA LEU A 131 -7.64 5.77 3.35
C LEU A 131 -8.87 5.74 2.46
N THR A 132 -8.76 6.18 1.24
CA THR A 132 -9.88 6.18 0.37
C THR A 132 -9.83 5.16 -0.73
N ARG A 133 -8.67 4.81 -1.21
CA ARG A 133 -8.51 3.94 -2.31
C ARG A 133 -7.26 3.04 -2.30
N ALA A 134 -7.37 1.81 -2.69
CA ALA A 134 -6.25 0.93 -2.80
C ALA A 134 -6.39 0.30 -4.15
N SER A 135 -5.29 0.13 -4.83
CA SER A 135 -5.33 -0.23 -6.17
C SER A 135 -4.23 -1.08 -6.60
N THR A 136 -4.43 -1.91 -7.59
CA THR A 136 -3.34 -2.63 -8.18
C THR A 136 -2.68 -1.79 -9.23
N ARG A 137 -1.54 -2.19 -9.70
CA ARG A 137 -0.85 -1.49 -10.72
C ARG A 137 -1.53 -1.37 -12.07
N GLY A 138 -2.08 -2.42 -12.58
CA GLY A 138 -2.68 -2.38 -13.86
C GLY A 138 -1.70 -2.03 -14.94
N ASP A 139 -2.02 -1.08 -15.79
CA ASP A 139 -1.22 -0.64 -16.85
C ASP A 139 -0.40 0.51 -16.54
N GLY A 140 -0.44 1.01 -15.35
CA GLY A 140 0.37 2.10 -14.96
C GLY A 140 -0.42 3.32 -14.80
N ARG A 141 -1.46 3.49 -15.57
CA ARG A 141 -2.32 4.56 -15.44
C ARG A 141 -3.58 4.18 -14.65
N THR A 142 -4.08 2.98 -14.89
CA THR A 142 -5.26 2.52 -14.27
C THR A 142 -5.04 1.18 -13.66
N GLY A 143 -5.53 0.94 -12.48
CA GLY A 143 -5.41 -0.30 -11.76
C GLY A 143 -6.74 -0.81 -11.34
N GLU A 144 -6.79 -1.88 -10.58
CA GLU A 144 -8.04 -2.38 -10.16
C GLU A 144 -8.30 -2.08 -8.75
N ASP A 145 -9.53 -1.80 -8.37
CA ASP A 145 -9.88 -1.45 -7.05
C ASP A 145 -10.00 -2.61 -6.13
N VAL A 146 -9.17 -2.68 -5.12
CA VAL A 146 -9.17 -3.68 -4.13
C VAL A 146 -9.10 -2.99 -2.79
N THR A 147 -9.80 -1.92 -2.61
CA THR A 147 -9.79 -1.14 -1.41
C THR A 147 -10.21 -1.89 -0.20
N LEU A 148 -11.27 -2.65 -0.30
CA LEU A 148 -11.72 -3.44 0.80
C LEU A 148 -10.75 -4.48 1.20
N ASN A 149 -10.10 -5.11 0.28
CA ASN A 149 -9.11 -6.10 0.58
C ASN A 149 -7.92 -5.50 1.32
N ALA A 150 -7.49 -4.31 0.93
CA ALA A 150 -6.42 -3.59 1.55
C ALA A 150 -6.72 -3.11 2.94
N ARG A 151 -7.97 -2.84 3.18
CA ARG A 151 -8.51 -2.44 4.44
C ARG A 151 -8.40 -3.56 5.49
N THR A 152 -8.35 -4.81 5.11
CA THR A 152 -8.11 -5.88 6.00
C THR A 152 -6.66 -6.14 6.30
N ILE A 153 -5.72 -5.61 5.57
CA ILE A 153 -4.36 -5.84 5.87
C ILE A 153 -3.97 -5.10 7.12
N ALA A 154 -3.36 -5.79 8.08
CA ALA A 154 -3.00 -5.24 9.34
C ALA A 154 -2.01 -4.17 9.26
N ASP A 155 -1.09 -4.30 8.38
CA ASP A 155 -0.09 -3.34 8.16
C ASP A 155 -0.58 -2.02 7.61
N VAL A 156 -1.69 -1.99 6.91
CA VAL A 156 -2.20 -0.79 6.39
C VAL A 156 -3.17 -0.09 7.28
N PRO A 157 -2.83 1.08 7.78
CA PRO A 157 -3.75 1.76 8.67
C PRO A 157 -4.85 2.48 7.98
N GLU A 158 -5.99 2.59 8.57
CA GLU A 158 -7.05 3.34 8.01
C GLU A 158 -6.83 4.76 8.03
N ARG A 159 -6.26 5.21 9.08
CA ARG A 159 -6.03 6.55 9.26
C ARG A 159 -4.61 6.80 9.57
N LEU A 160 -4.16 7.99 9.26
CA LEU A 160 -2.80 8.33 9.50
C LEU A 160 -2.66 9.01 10.83
N THR A 161 -1.53 8.89 11.46
CA THR A 161 -1.28 9.43 12.76
C THR A 161 -0.68 10.80 12.72
N PRO A 162 -1.27 11.79 13.39
CA PRO A 162 -0.80 13.17 13.44
C PRO A 162 0.60 13.39 13.93
N GLY A 163 1.48 13.76 13.03
CA GLY A 163 2.88 13.88 13.39
C GLY A 163 3.24 15.16 14.06
N ASP A 164 4.45 15.29 14.66
CA ASP A 164 4.80 16.49 15.32
C ASP A 164 5.53 17.21 14.27
N ASP A 165 6.60 16.63 13.80
CA ASP A 165 7.36 17.18 12.75
C ASP A 165 6.71 16.98 11.43
N TYR A 166 5.81 16.03 11.33
CA TYR A 166 5.24 15.67 10.06
C TYR A 166 3.75 15.81 9.99
N PRO A 167 3.23 16.89 9.44
CA PRO A 167 1.78 16.99 9.38
C PRO A 167 1.13 16.14 8.33
N VAL A 168 -0.04 15.65 8.60
CA VAL A 168 -0.67 14.80 7.67
C VAL A 168 -1.01 15.51 6.40
N PRO A 169 -0.64 14.98 5.28
CA PRO A 169 -0.93 15.66 4.03
C PRO A 169 -2.36 15.64 3.60
N GLU A 170 -2.74 16.49 2.69
CA GLU A 170 -4.10 16.53 2.26
C GLU A 170 -4.36 15.36 1.36
N VAL A 171 -3.44 15.05 0.49
CA VAL A 171 -3.52 13.91 -0.33
C VAL A 171 -2.17 13.20 -0.27
N LEU A 172 -2.15 11.90 -0.09
CA LEU A 172 -0.94 11.14 -0.10
C LEU A 172 -1.11 9.89 -0.89
N GLU A 173 -0.39 9.68 -1.96
CA GLU A 173 -0.49 8.50 -2.73
C GLU A 173 0.77 7.76 -2.43
N VAL A 174 0.67 6.62 -1.80
CA VAL A 174 1.79 5.89 -1.45
C VAL A 174 1.83 4.46 -2.03
N ARG A 175 2.98 4.04 -2.52
CA ARG A 175 3.13 2.74 -3.07
C ARG A 175 3.87 1.74 -2.22
N GLY A 176 3.52 0.49 -2.34
CA GLY A 176 4.20 -0.53 -1.64
C GLY A 176 4.06 -1.89 -2.22
N GLU A 177 4.52 -2.92 -1.50
CA GLU A 177 4.48 -4.27 -1.88
C GLU A 177 3.69 -5.05 -0.86
N VAL A 178 2.85 -5.95 -1.32
CA VAL A 178 2.04 -6.77 -0.48
C VAL A 178 2.62 -8.16 -0.60
N PHE A 179 2.81 -8.85 0.50
CA PHE A 179 3.46 -10.11 0.50
C PHE A 179 3.16 -10.99 1.68
N PHE A 180 3.60 -12.22 1.61
CA PHE A 180 3.53 -13.16 2.70
C PHE A 180 4.88 -13.49 3.19
N ARG A 181 5.02 -13.72 4.45
CA ARG A 181 6.23 -14.24 4.98
C ARG A 181 6.21 -15.70 4.73
N LEU A 182 7.36 -16.28 4.61
CA LEU A 182 7.49 -17.67 4.32
C LEU A 182 6.74 -18.65 5.16
N ASP A 183 6.78 -18.49 6.45
CA ASP A 183 6.09 -19.37 7.31
C ASP A 183 4.57 -19.34 7.15
N ASP A 184 4.03 -18.18 6.91
CA ASP A 184 2.65 -17.99 6.74
C ASP A 184 2.18 -18.47 5.41
N PHE A 185 3.05 -18.47 4.41
CA PHE A 185 2.75 -18.96 3.10
C PHE A 185 2.53 -20.43 3.19
N GLN A 186 3.35 -21.11 3.94
CA GLN A 186 3.25 -22.52 4.11
C GLN A 186 2.06 -22.88 4.88
N ALA A 187 1.79 -22.10 5.89
CA ALA A 187 0.69 -22.29 6.72
C ALA A 187 -0.60 -22.14 6.00
N LEU A 188 -0.73 -21.19 5.14
CA LEU A 188 -1.91 -21.03 4.37
C LEU A 188 -2.15 -22.15 3.40
N ASN A 189 -1.09 -22.68 2.84
CA ASN A 189 -1.20 -23.77 1.93
C ASN A 189 -1.76 -25.01 2.64
N ALA A 190 -1.36 -25.21 3.86
CA ALA A 190 -1.82 -26.30 4.62
C ALA A 190 -3.28 -26.18 4.89
N SER A 191 -3.70 -25.03 5.30
CA SER A 191 -5.05 -24.80 5.53
C SER A 191 -5.88 -24.96 4.30
N LEU A 192 -5.40 -24.55 3.16
CA LEU A 192 -6.17 -24.67 1.96
C LEU A 192 -6.37 -26.07 1.57
N VAL A 193 -5.30 -26.81 1.67
CA VAL A 193 -5.32 -28.20 1.33
C VAL A 193 -6.17 -28.96 2.28
N GLU A 194 -6.31 -28.48 3.47
CA GLU A 194 -7.12 -29.09 4.42
C GLU A 194 -8.59 -28.97 4.05
N GLU A 195 -8.96 -28.01 3.24
CA GLU A 195 -10.29 -27.90 2.79
C GLU A 195 -10.42 -28.36 1.38
N GLY A 196 -9.52 -29.16 0.92
CA GLY A 196 -9.61 -29.63 -0.41
C GLY A 196 -9.40 -28.65 -1.51
N LYS A 197 -8.58 -27.65 -1.25
CA LYS A 197 -8.27 -26.62 -2.23
C LYS A 197 -6.84 -26.75 -2.66
N ALA A 198 -6.54 -26.28 -3.83
CA ALA A 198 -5.21 -26.32 -4.31
C ALA A 198 -4.29 -25.31 -3.70
N PRO A 199 -3.10 -25.71 -3.38
CA PRO A 199 -2.15 -24.79 -2.85
C PRO A 199 -1.42 -23.95 -3.88
N PHE A 200 -0.83 -22.90 -3.39
CA PHE A 200 -0.09 -21.98 -4.19
C PHE A 200 1.34 -22.41 -4.43
N ALA A 201 1.86 -22.18 -5.59
CA ALA A 201 3.19 -22.54 -5.88
C ALA A 201 4.23 -21.65 -5.29
N ASN A 202 3.96 -20.40 -5.14
CA ASN A 202 4.92 -19.54 -4.53
C ASN A 202 4.29 -18.47 -3.69
N PRO A 203 5.03 -17.84 -2.82
CA PRO A 203 4.43 -16.77 -2.07
C PRO A 203 3.90 -15.56 -2.87
N ARG A 204 4.41 -15.22 -4.03
CA ARG A 204 3.89 -14.11 -4.75
C ARG A 204 2.54 -14.44 -5.29
N ASN A 205 2.36 -15.62 -5.81
CA ASN A 205 1.11 -16.06 -6.28
C ASN A 205 0.08 -16.15 -5.16
N SER A 206 0.52 -16.50 -4.01
CA SER A 206 -0.33 -16.59 -2.90
C SER A 206 -0.83 -15.22 -2.45
N ALA A 207 0.00 -14.22 -2.43
CA ALA A 207 -0.36 -12.89 -2.04
C ALA A 207 -1.24 -12.26 -3.02
N ALA A 208 -0.99 -12.45 -4.28
CA ALA A 208 -1.84 -11.91 -5.27
C ALA A 208 -3.22 -12.51 -5.16
N GLY A 209 -3.34 -13.79 -4.94
CA GLY A 209 -4.58 -14.43 -4.83
C GLY A 209 -5.33 -14.06 -3.63
N SER A 210 -4.66 -13.89 -2.54
CA SER A 210 -5.25 -13.51 -1.34
C SER A 210 -5.72 -12.11 -1.39
N LEU A 211 -5.05 -11.24 -2.10
CA LEU A 211 -5.51 -9.92 -2.23
C LEU A 211 -6.70 -9.83 -3.13
N ARG A 212 -6.69 -10.52 -4.22
CA ARG A 212 -7.77 -10.50 -5.12
C ARG A 212 -8.94 -11.39 -4.85
N GLN A 213 -9.66 -11.09 -3.82
CA GLN A 213 -10.81 -11.85 -3.48
C GLN A 213 -12.04 -11.03 -3.67
N LYS A 214 -13.08 -11.55 -4.26
CA LYS A 214 -14.29 -10.82 -4.40
C LYS A 214 -14.91 -10.59 -3.08
N ASP A 215 -14.78 -11.49 -2.16
CA ASP A 215 -15.30 -11.30 -0.87
C ASP A 215 -14.11 -10.93 -0.07
N PRO A 216 -14.03 -9.72 0.45
CA PRO A 216 -12.84 -9.39 1.21
C PRO A 216 -12.68 -10.04 2.54
N ALA A 217 -13.66 -10.74 3.06
CA ALA A 217 -13.48 -11.42 4.30
C ALA A 217 -12.49 -12.53 4.21
N VAL A 218 -12.36 -13.07 3.03
CA VAL A 218 -11.42 -14.08 2.75
C VAL A 218 -10.05 -13.51 2.93
N THR A 219 -9.83 -12.35 2.39
CA THR A 219 -8.60 -11.72 2.53
C THR A 219 -8.29 -11.41 3.96
N ALA A 220 -9.24 -11.04 4.77
CA ALA A 220 -8.97 -10.71 6.13
C ALA A 220 -8.41 -11.75 6.98
N ARG A 221 -8.70 -12.98 6.69
CA ARG A 221 -8.15 -13.99 7.48
C ARG A 221 -6.84 -14.62 6.97
N ARG A 222 -6.19 -13.98 6.05
CA ARG A 222 -4.96 -14.39 5.55
C ARG A 222 -3.95 -13.38 6.04
N ARG A 223 -2.78 -13.81 6.45
CA ARG A 223 -1.77 -12.94 7.02
C ARG A 223 -0.91 -12.10 6.10
N LEU A 224 -1.52 -11.25 5.34
CA LEU A 224 -0.87 -10.46 4.41
C LEU A 224 -0.14 -9.27 4.98
N ARG A 225 0.97 -8.90 4.42
CA ARG A 225 1.75 -7.78 4.88
C ARG A 225 1.98 -6.78 3.83
N MET A 226 2.45 -5.63 4.20
CA MET A 226 2.76 -4.60 3.28
C MET A 226 3.94 -3.71 3.72
N ILE A 227 4.85 -3.33 2.83
CA ILE A 227 5.89 -2.41 3.11
C ILE A 227 5.78 -1.31 2.07
N CYS A 228 5.78 -0.06 2.46
CA CYS A 228 5.72 1.00 1.55
C CYS A 228 7.07 1.38 1.00
N HIS A 229 7.18 1.64 -0.29
CA HIS A 229 8.42 1.98 -0.89
C HIS A 229 8.45 3.01 -1.96
N GLY A 230 7.51 3.88 -1.98
CA GLY A 230 7.46 4.88 -3.00
C GLY A 230 6.34 5.83 -2.84
N LEU A 231 6.33 7.01 -3.45
CA LEU A 231 5.30 7.97 -3.32
C LEU A 231 4.83 8.35 -4.64
N GLY A 232 3.57 8.63 -4.76
CA GLY A 232 3.07 9.12 -5.99
C GLY A 232 2.72 10.57 -5.83
N HIS A 233 1.49 10.91 -6.08
CA HIS A 233 1.03 12.22 -5.97
C HIS A 233 0.86 12.61 -4.55
N VAL A 234 1.31 13.79 -4.17
CA VAL A 234 1.16 14.23 -2.83
C VAL A 234 0.78 15.67 -2.73
N GLU A 235 0.00 16.04 -1.74
CA GLU A 235 -0.29 17.41 -1.53
C GLU A 235 -0.06 17.71 -0.08
N GLY A 236 0.64 18.76 0.25
CA GLY A 236 0.86 19.08 1.62
C GLY A 236 2.04 18.41 2.20
N PHE A 237 3.00 18.04 1.41
CA PHE A 237 4.11 17.32 1.88
C PHE A 237 5.13 17.51 0.84
N ARG A 238 6.28 18.01 1.18
CA ARG A 238 7.28 18.23 0.20
C ARG A 238 8.60 17.79 0.71
N PRO A 239 8.86 16.51 0.72
CA PRO A 239 10.12 16.07 1.27
C PRO A 239 11.30 16.23 0.38
N ALA A 240 12.41 16.62 0.92
CA ALA A 240 13.52 16.87 0.13
C ALA A 240 14.12 15.66 -0.39
N THR A 241 14.01 14.60 0.32
CA THR A 241 14.58 13.35 -0.13
C THR A 241 13.66 12.23 0.21
N LEU A 242 13.90 11.08 -0.39
CA LEU A 242 13.15 9.90 -0.21
C LEU A 242 13.44 9.26 1.11
N HIS A 243 14.64 9.39 1.62
CA HIS A 243 14.94 8.87 2.90
C HIS A 243 14.21 9.62 3.99
N GLN A 244 14.01 10.89 3.77
CA GLN A 244 13.31 11.68 4.72
C GLN A 244 11.86 11.49 4.61
N ALA A 245 11.40 11.06 3.47
CA ALA A 245 10.04 10.77 3.32
C ALA A 245 9.65 9.58 4.10
N TYR A 246 10.50 8.60 4.18
CA TYR A 246 10.27 7.43 4.95
C TYR A 246 10.13 7.77 6.43
N LEU A 247 10.72 8.83 6.92
CA LEU A 247 10.53 9.22 8.28
C LEU A 247 9.16 9.69 8.52
N ALA A 248 8.58 10.44 7.62
CA ALA A 248 7.22 10.88 7.78
C ALA A 248 6.23 9.74 7.67
N LEU A 249 6.46 8.80 6.77
CA LEU A 249 5.63 7.63 6.63
C LEU A 249 5.61 6.87 7.93
N ARG A 250 6.74 6.65 8.54
CA ARG A 250 6.80 6.04 9.82
C ARG A 250 6.07 6.79 10.86
N ALA A 251 6.25 8.08 10.92
CA ALA A 251 5.58 8.85 11.89
C ALA A 251 4.10 8.73 11.78
N TRP A 252 3.57 8.74 10.58
CA TRP A 252 2.18 8.61 10.33
C TRP A 252 1.65 7.21 10.44
N GLY A 253 2.45 6.19 10.58
CA GLY A 253 1.95 4.87 10.74
C GLY A 253 1.98 3.97 9.58
N LEU A 254 2.66 4.32 8.53
CA LEU A 254 2.75 3.47 7.41
C LEU A 254 3.90 2.58 7.55
N PRO A 255 3.82 1.38 7.02
CA PRO A 255 4.89 0.45 7.23
C PRO A 255 6.08 0.63 6.33
N VAL A 256 7.27 0.64 6.87
CA VAL A 256 8.44 0.88 6.11
C VAL A 256 9.47 -0.15 6.44
N SER A 257 10.31 -0.52 5.51
CA SER A 257 11.37 -1.46 5.81
C SER A 257 12.53 -0.93 6.63
N GLU A 258 13.18 -1.81 7.33
CA GLU A 258 14.35 -1.54 8.11
C GLU A 258 15.64 -1.88 7.47
N HIS A 259 15.67 -2.14 6.19
CA HIS A 259 16.86 -2.52 5.54
C HIS A 259 17.29 -1.57 4.55
N THR A 260 16.82 -0.38 4.58
CA THR A 260 17.21 0.61 3.64
C THR A 260 18.47 1.34 4.11
N THR A 261 19.38 1.63 3.22
CA THR A 261 20.52 2.36 3.56
C THR A 261 20.76 3.42 2.49
N LEU A 262 21.52 4.40 2.80
CA LEU A 262 21.83 5.45 1.92
C LEU A 262 23.27 5.36 1.54
N ALA A 263 23.61 5.27 0.28
CA ALA A 263 24.97 5.20 -0.13
C ALA A 263 25.35 6.48 -0.81
N THR A 264 26.63 6.80 -0.84
CA THR A 264 27.03 8.04 -1.47
C THR A 264 27.55 7.86 -2.88
N ASP A 265 28.02 6.71 -3.22
CA ASP A 265 28.49 6.50 -4.55
C ASP A 265 28.25 5.10 -5.03
N LEU A 266 28.67 4.76 -6.20
CA LEU A 266 28.51 3.45 -6.67
C LEU A 266 29.21 2.43 -5.83
N ALA A 267 30.34 2.74 -5.25
CA ALA A 267 31.04 1.80 -4.42
C ALA A 267 30.22 1.40 -3.25
N GLY A 268 29.47 2.30 -2.69
CA GLY A 268 28.62 1.98 -1.60
C GLY A 268 27.43 1.16 -2.02
N VAL A 269 26.96 1.34 -3.23
CA VAL A 269 25.88 0.62 -3.76
C VAL A 269 26.32 -0.78 -3.95
N ARG A 270 27.51 -0.93 -4.46
CA ARG A 270 28.07 -2.21 -4.69
C ARG A 270 28.23 -3.04 -3.46
N GLU A 271 28.51 -2.47 -2.32
CA GLU A 271 28.67 -3.24 -1.13
C GLU A 271 27.38 -3.81 -0.61
N ARG A 272 26.33 -3.05 -0.69
CA ARG A 272 25.05 -3.50 -0.29
C ARG A 272 24.55 -4.62 -1.17
N ILE A 273 24.77 -4.53 -2.44
CA ILE A 273 24.39 -5.52 -3.35
C ILE A 273 25.08 -6.80 -3.06
N ASP A 274 26.36 -6.72 -2.80
CA ASP A 274 27.14 -7.86 -2.46
C ASP A 274 26.73 -8.42 -1.16
N TYR A 275 26.43 -7.60 -0.21
CA TYR A 275 26.05 -8.03 1.08
C TYR A 275 24.77 -8.76 1.05
N TRP A 276 23.77 -8.25 0.37
CA TRP A 276 22.49 -8.89 0.35
C TRP A 276 22.47 -10.10 -0.52
N GLY A 277 23.44 -10.24 -1.37
CA GLY A 277 23.59 -11.43 -2.12
C GLY A 277 23.94 -12.52 -1.18
N GLU A 278 24.65 -12.20 -0.12
CA GLU A 278 24.98 -13.18 0.83
C GLU A 278 24.06 -13.22 1.97
N HIS A 279 23.26 -12.24 2.25
CA HIS A 279 22.40 -12.33 3.38
C HIS A 279 20.93 -12.34 3.13
N ARG A 280 20.46 -12.19 1.89
CA ARG A 280 19.02 -12.17 1.65
C ARG A 280 18.25 -13.37 2.13
N HIS A 281 18.87 -14.50 2.25
CA HIS A 281 18.21 -15.69 2.74
C HIS A 281 17.77 -15.63 4.17
N GLU A 282 18.31 -14.73 4.95
CA GLU A 282 17.94 -14.58 6.28
C GLU A 282 16.76 -13.72 6.46
N VAL A 283 16.29 -13.06 5.45
CA VAL A 283 15.11 -12.24 5.60
C VAL A 283 13.94 -13.17 5.53
N ASP A 284 12.85 -12.84 6.20
CA ASP A 284 11.73 -13.73 6.24
C ASP A 284 10.73 -13.66 5.13
N HIS A 285 11.01 -12.90 4.14
CA HIS A 285 10.19 -12.80 3.00
C HIS A 285 11.08 -12.79 1.77
N GLU A 286 10.51 -12.86 0.59
CA GLU A 286 11.32 -12.94 -0.60
C GLU A 286 11.94 -11.67 -1.11
N ILE A 287 13.24 -11.66 -1.29
CA ILE A 287 13.95 -10.59 -1.82
C ILE A 287 14.59 -11.06 -3.10
N ASP A 288 14.23 -10.47 -4.19
CA ASP A 288 14.78 -10.84 -5.42
C ASP A 288 15.70 -9.86 -5.91
N GLY A 289 16.14 -8.83 -5.16
CA GLY A 289 17.09 -7.88 -5.58
C GLY A 289 17.25 -6.69 -4.74
N VAL A 290 17.80 -5.62 -5.27
CA VAL A 290 18.00 -4.42 -4.53
C VAL A 290 17.63 -3.30 -5.39
N VAL A 291 16.90 -2.33 -4.93
CA VAL A 291 16.54 -1.27 -5.78
C VAL A 291 17.39 -0.10 -5.49
N VAL A 292 17.99 0.54 -6.47
CA VAL A 292 18.79 1.70 -6.20
C VAL A 292 18.16 2.99 -6.72
N LYS A 293 17.88 3.94 -5.86
CA LYS A 293 17.28 5.14 -6.28
C LYS A 293 18.08 6.33 -5.98
N VAL A 294 17.87 7.41 -6.67
CA VAL A 294 18.56 8.61 -6.38
C VAL A 294 17.73 9.24 -5.30
N ASP A 295 18.30 9.57 -4.17
CA ASP A 295 17.58 10.06 -3.05
C ASP A 295 16.98 11.44 -3.09
N GLU A 296 17.59 12.34 -3.78
CA GLU A 296 17.15 13.69 -3.80
C GLU A 296 15.95 13.88 -4.68
N VAL A 297 14.91 14.49 -4.20
CA VAL A 297 13.74 14.62 -4.99
C VAL A 297 14.00 15.51 -6.18
N ALA A 298 14.72 16.58 -6.03
CA ALA A 298 14.95 17.45 -7.12
C ALA A 298 15.80 16.82 -8.14
N LEU A 299 16.61 15.87 -7.80
CA LEU A 299 17.38 15.23 -8.81
C LEU A 299 16.59 14.22 -9.54
N GLN A 300 15.56 13.68 -8.95
CA GLN A 300 14.80 12.69 -9.65
C GLN A 300 13.88 13.40 -10.63
N ARG A 301 13.49 14.61 -10.31
CA ARG A 301 12.77 15.43 -11.20
C ARG A 301 13.51 15.85 -12.40
N ARG A 302 14.79 16.10 -12.29
CA ARG A 302 15.50 16.53 -13.43
C ARG A 302 15.73 15.37 -14.30
N LEU A 303 16.06 14.27 -13.73
CA LEU A 303 16.29 13.11 -14.52
C LEU A 303 15.08 12.63 -15.25
N GLY A 304 13.94 12.72 -14.60
CA GLY A 304 12.68 12.34 -15.17
C GLY A 304 12.38 10.90 -15.34
N SER A 305 11.49 10.62 -16.23
CA SER A 305 11.13 9.28 -16.51
C SER A 305 10.80 9.12 -17.97
N THR A 306 10.97 7.93 -18.51
CA THR A 306 10.56 7.57 -19.87
C THR A 306 9.09 7.11 -19.81
N SER A 307 8.55 6.63 -20.90
CA SER A 307 7.21 6.16 -20.90
C SER A 307 7.03 5.05 -19.99
N ARG A 308 8.02 4.22 -19.83
CA ARG A 308 7.84 3.08 -19.01
C ARG A 308 8.51 3.00 -17.71
N ALA A 309 9.49 3.83 -17.47
CA ALA A 309 10.24 3.68 -16.27
C ALA A 309 10.88 4.89 -15.83
N PRO A 310 11.20 5.00 -14.58
CA PRO A 310 11.98 6.14 -14.16
C PRO A 310 13.45 6.07 -14.49
N ARG A 311 14.08 7.19 -14.68
CA ARG A 311 15.44 7.19 -15.04
C ARG A 311 16.32 7.36 -13.78
N TRP A 312 15.74 7.58 -12.62
CA TRP A 312 16.46 7.79 -11.43
C TRP A 312 16.52 6.60 -10.50
N ALA A 313 16.06 5.47 -10.95
CA ALA A 313 16.12 4.30 -10.17
C ALA A 313 16.34 3.13 -11.05
N ILE A 314 16.86 2.07 -10.48
CA ILE A 314 17.09 0.87 -11.21
C ILE A 314 17.06 -0.28 -10.22
N ALA A 315 16.59 -1.45 -10.63
CA ALA A 315 16.56 -2.58 -9.76
C ALA A 315 17.57 -3.57 -10.11
N TYR A 316 18.48 -3.92 -9.21
CA TYR A 316 19.46 -4.90 -9.49
C TYR A 316 18.88 -6.22 -9.15
N LYS A 317 18.82 -7.13 -10.08
CA LYS A 317 18.24 -8.37 -9.83
C LYS A 317 19.24 -9.44 -9.72
N TYR A 318 19.12 -10.30 -8.74
CA TYR A 318 20.00 -11.36 -8.56
C TYR A 318 19.65 -12.51 -9.45
N PRO A 319 20.56 -13.46 -9.61
CA PRO A 319 20.31 -14.69 -10.30
C PRO A 319 19.16 -15.44 -9.67
N PRO A 320 18.30 -16.07 -10.47
CA PRO A 320 17.11 -16.71 -9.88
C PRO A 320 17.48 -17.78 -8.87
N GLU A 321 18.47 -18.57 -9.24
CA GLU A 321 19.11 -19.55 -8.42
C GLU A 321 20.38 -19.00 -8.97
C10 DKR B . -20.78 -4.39 15.15
C13 DKR B . -18.97 -3.85 17.10
C15 DKR B . -19.76 -3.58 14.93
C02 DKR B . -25.89 -8.43 16.61
C03 DKR B . -26.18 -8.70 15.30
C04 DKR B . -25.23 -8.08 14.57
C05 DKR B . -24.41 -7.47 15.46
C06 DKR B . -23.21 -6.61 15.15
C09 DKR B . -21.79 -4.72 14.06
C11 DKR B . -20.88 -4.93 16.36
C12 DKR B . -20.00 -4.67 17.32
C14 DKR B . -18.85 -3.32 15.89
C16 DKR B . -18.00 -3.60 18.24
N01 DKR B . -24.85 -7.69 16.66
N07 DKR B . -22.94 -5.56 14.22
O08 DKR B . -22.44 -6.98 15.82
H151 DKR B . -19.64 -3.20 14.09
H021 DKR B . -26.37 -8.73 17.35
H031 DKR B . -26.88 -9.23 14.98
H041 DKR B . -25.16 -8.07 13.64
H091 DKR B . -21.27 -5.10 13.33
H092 DKR B . -22.13 -3.86 13.74
H111 DKR B . -21.57 -5.49 16.55
H121 DKR B . -20.10 -5.06 18.16
H141 DKR B . -18.14 -2.74 15.71
H161 DKR B . -17.16 -3.26 17.88
H163 DKR B . -17.83 -4.42 18.72
H162 DKR B . -18.38 -2.93 18.83
H071 DKR B . -23.63 -5.32 13.76
S SO4 C . -6.64 0.01 11.54
O1 SO4 C . -5.32 0.34 12.05
O2 SO4 C . -7.33 -0.78 12.49
O3 SO4 C . -6.59 -0.69 10.28
O4 SO4 C . -7.41 1.22 11.49
S SO4 D . 3.18 -6.15 -9.87
O1 SO4 D . 4.44 -5.39 -9.84
O2 SO4 D . 3.06 -6.95 -8.63
O3 SO4 D . 3.17 -7.06 -11.04
O4 SO4 D . 2.03 -5.22 -9.97
#